data_8TJK
#
_entry.id   8TJK
#
_cell.length_a   61.833
_cell.length_b   71.902
_cell.length_c   144.841
_cell.angle_alpha   90.000
_cell.angle_beta   90.000
_cell.angle_gamma   90.000
#
_symmetry.space_group_name_H-M   'P 21 21 21'
#
loop_
_entity.id
_entity.type
_entity.pdbx_description
1 polymer RedM
2 non-polymer 'SULFATE ION'
3 non-polymer 'CHLORIDE ION'
4 non-polymer S-ADENOSYL-L-HOMOCYSTEINE
5 water water
#
_entity_poly.entity_id   1
_entity_poly.type   'polypeptide(L)'
_entity_poly.pdbx_seq_one_letter_code
;MSDTSPGPEHAPAIDRLLQIATGFMASKVLLVAASLGLFTELAAGPLRGEELRARLRLHPRSARDFFDTLVALGVLERTN
GAYANTPATAQYLVRGKSAYLGGLLEMSDARMYELWGRLDEGLRTGNPQNEIRTGEEGIYATLYDDPDRLDAFQQAMTGL
SMRSAHALAEAIDWSAYRTVADIGCAEGTVLIHLLERHPHLRGTGFDLAAVRPSFQRRHEESGLGDRLAFRAGDFFAEPL
PQADALVFGHILSNWALPKAKTLLRKAHEALPEGGIVVIYETLIDDERRENVPGLLMSLTMLLETPGGFEYTGADCREWL
ADAGFRESRVQYLAGPESMVIATK
;
_entity_poly.pdbx_strand_id   A,B
#
# COMPACT_ATOMS: atom_id res chain seq x y z
N PRO A 12 -12.96 -4.66 13.87
CA PRO A 12 -12.66 -3.43 14.61
C PRO A 12 -12.00 -2.37 13.74
N ALA A 13 -12.10 -1.11 14.15
CA ALA A 13 -11.49 -0.03 13.37
C ALA A 13 -9.97 -0.12 13.37
N ILE A 14 -9.37 -0.50 14.50
CA ILE A 14 -7.92 -0.59 14.57
C ILE A 14 -7.38 -1.62 13.58
N ASP A 15 -8.14 -2.69 13.32
CA ASP A 15 -7.71 -3.67 12.33
C ASP A 15 -7.72 -3.07 10.92
N ARG A 16 -8.77 -2.33 10.57
CA ARG A 16 -8.80 -1.65 9.28
C ARG A 16 -7.63 -0.69 9.13
N LEU A 17 -7.27 -0.01 10.22
CA LEU A 17 -6.18 0.96 10.16
C LEU A 17 -4.84 0.27 9.91
N LEU A 18 -4.53 -0.78 10.69
CA LEU A 18 -3.28 -1.50 10.49
C LEU A 18 -3.21 -2.12 9.11
N GLN A 19 -4.36 -2.56 8.57
CA GLN A 19 -4.37 -3.12 7.22
C GLN A 19 -3.97 -2.07 6.19
N ILE A 20 -4.47 -0.85 6.34
CA ILE A 20 -4.07 0.24 5.44
C ILE A 20 -2.61 0.59 5.64
N ALA A 21 -2.18 0.68 6.90
CA ALA A 21 -0.80 1.05 7.21
C ALA A 21 0.21 0.07 6.63
N THR A 22 -0.14 -1.22 6.54
CA THR A 22 0.78 -2.21 6.00
C THR A 22 0.44 -2.57 4.56
N GLY A 23 -0.35 -1.73 3.89
CA GLY A 23 -0.76 -1.99 2.52
C GLY A 23 0.37 -1.96 1.51
N PHE A 24 1.54 -1.44 1.89
CA PHE A 24 2.66 -1.37 0.94
C PHE A 24 3.14 -2.75 0.53
N MET A 25 2.89 -3.78 1.35
CA MET A 25 3.36 -5.12 1.02
C MET A 25 2.56 -5.71 -0.14
N ALA A 26 1.22 -5.80 0.04
CA ALA A 26 0.36 -6.21 -1.05
C ALA A 26 0.56 -5.36 -2.29
N SER A 27 0.75 -4.05 -2.09
CA SER A 27 1.07 -3.17 -3.21
C SER A 27 2.31 -3.67 -3.96
N LYS A 28 3.40 -3.94 -3.22
CA LYS A 28 4.64 -4.32 -3.90
C LYS A 28 4.51 -5.66 -4.61
N VAL A 29 3.71 -6.57 -4.07
CA VAL A 29 3.50 -7.85 -4.76
C VAL A 29 2.90 -7.62 -6.14
N LEU A 30 1.83 -6.80 -6.23
CA LEU A 30 1.24 -6.53 -7.53
C LEU A 30 2.19 -5.74 -8.41
N LEU A 31 2.85 -4.74 -7.85
CA LEU A 31 3.76 -3.90 -8.64
C LEU A 31 4.87 -4.74 -9.25
N VAL A 32 5.47 -5.64 -8.47
CA VAL A 32 6.56 -6.46 -8.99
C VAL A 32 6.04 -7.42 -10.04
N ALA A 33 4.87 -8.02 -9.82
CA ALA A 33 4.29 -8.90 -10.82
C ALA A 33 4.13 -8.20 -12.16
N ALA A 34 3.68 -6.94 -12.12
CA ALA A 34 3.54 -6.19 -13.36
C ALA A 34 4.89 -5.88 -13.99
N SER A 35 5.86 -5.45 -13.18
CA SER A 35 7.19 -5.17 -13.71
C SER A 35 7.80 -6.41 -14.35
N LEU A 36 7.55 -7.58 -13.78
CA LEU A 36 7.99 -8.86 -14.32
C LEU A 36 7.27 -9.27 -15.58
N GLY A 37 6.13 -8.64 -15.90
CA GLY A 37 5.30 -9.14 -16.97
C GLY A 37 4.70 -10.50 -16.68
N LEU A 38 4.44 -10.80 -15.40
CA LEU A 38 3.93 -12.12 -15.02
C LEU A 38 2.63 -12.45 -15.76
N PHE A 39 1.71 -11.49 -15.83
CA PHE A 39 0.41 -11.77 -16.44
C PHE A 39 0.53 -11.97 -17.94
N THR A 40 1.51 -11.31 -18.57
CA THR A 40 1.73 -11.53 -20.00
C THR A 40 2.25 -12.94 -20.26
N GLU A 41 3.00 -13.53 -19.32
CA GLU A 41 3.46 -14.91 -19.51
C GLU A 41 2.31 -15.91 -19.44
N LEU A 42 1.18 -15.53 -18.85
CA LEU A 42 0.03 -16.42 -18.74
C LEU A 42 -1.05 -16.13 -19.78
N ALA A 43 -0.80 -15.23 -20.72
CA ALA A 43 -1.84 -14.83 -21.67
C ALA A 43 -2.23 -15.99 -22.59
N ALA A 44 -1.27 -16.80 -23.03
CA ALA A 44 -1.57 -17.89 -23.94
C ALA A 44 -2.37 -19.00 -23.25
N GLY A 45 -2.18 -19.16 -21.95
CA GLY A 45 -2.80 -20.23 -21.21
C GLY A 45 -2.12 -20.40 -19.86
N PRO A 46 -2.65 -21.28 -19.03
CA PRO A 46 -2.07 -21.48 -17.70
C PRO A 46 -0.66 -22.06 -17.78
N LEU A 47 0.16 -21.77 -16.77
CA LEU A 47 1.49 -22.35 -16.64
C LEU A 47 1.67 -22.91 -15.23
N ARG A 48 2.39 -24.03 -15.14
CA ARG A 48 2.71 -24.58 -13.84
C ARG A 48 3.74 -23.72 -13.13
N GLY A 49 3.82 -23.88 -11.81
CA GLY A 49 4.69 -23.03 -11.01
C GLY A 49 6.13 -23.03 -11.46
N GLU A 50 6.67 -24.21 -11.78
CA GLU A 50 8.07 -24.26 -12.17
C GLU A 50 8.29 -23.62 -13.54
N GLU A 51 7.32 -23.76 -14.45
CA GLU A 51 7.47 -23.14 -15.76
C GLU A 51 7.40 -21.62 -15.67
N LEU A 52 6.44 -21.09 -14.90
CA LEU A 52 6.35 -19.64 -14.71
C LEU A 52 7.60 -19.09 -14.05
N ARG A 53 8.11 -19.78 -13.03
CA ARG A 53 9.36 -19.38 -12.38
C ARG A 53 10.50 -19.31 -13.39
N ALA A 54 10.63 -20.34 -14.22
CA ALA A 54 11.72 -20.38 -15.19
C ALA A 54 11.59 -19.26 -16.22
N ARG A 55 10.37 -18.92 -16.62
CA ARG A 55 10.19 -17.84 -17.60
C ARG A 55 10.44 -16.48 -16.98
N LEU A 56 10.23 -16.33 -15.69
CA LEU A 56 10.52 -15.07 -15.03
C LEU A 56 11.91 -15.03 -14.42
N ARG A 57 12.64 -16.14 -14.45
CA ARG A 57 14.00 -16.25 -13.88
C ARG A 57 14.00 -15.84 -12.40
N LEU A 58 13.07 -16.42 -11.65
CA LEU A 58 12.99 -16.24 -10.21
C LEU A 58 13.66 -17.40 -9.50
N HIS A 59 14.16 -17.12 -8.30
CA HIS A 59 14.82 -18.16 -7.54
C HIS A 59 13.79 -19.14 -6.98
N PRO A 60 14.10 -20.43 -6.91
CA PRO A 60 13.10 -21.40 -6.43
C PRO A 60 12.67 -21.18 -4.99
N ARG A 61 13.43 -20.41 -4.20
CA ARG A 61 13.12 -20.26 -2.78
C ARG A 61 11.70 -19.75 -2.56
N SER A 62 11.33 -18.67 -3.23
CA SER A 62 10.11 -17.94 -2.90
C SER A 62 9.16 -17.75 -4.08
N ALA A 63 9.39 -18.42 -5.21
CA ALA A 63 8.55 -18.22 -6.38
C ALA A 63 7.11 -18.67 -6.11
N ARG A 64 6.96 -19.87 -5.55
CA ARG A 64 5.65 -20.40 -5.20
C ARG A 64 4.91 -19.46 -4.25
N ASP A 65 5.59 -19.04 -3.18
CA ASP A 65 5.01 -18.06 -2.26
C ASP A 65 4.51 -16.82 -3.00
N PHE A 66 5.33 -16.29 -3.91
CA PHE A 66 4.97 -15.11 -4.67
C PHE A 66 3.72 -15.36 -5.51
N PHE A 67 3.68 -16.49 -6.22
CA PHE A 67 2.52 -16.79 -7.05
C PHE A 67 1.27 -16.99 -6.20
N ASP A 68 1.40 -17.72 -5.09
CA ASP A 68 0.23 -17.98 -4.25
C ASP A 68 -0.25 -16.72 -3.56
N THR A 69 0.65 -15.80 -3.20
CA THR A 69 0.20 -14.51 -2.68
C THR A 69 -0.70 -13.81 -3.68
N LEU A 70 -0.31 -13.82 -4.95
CA LEU A 70 -1.16 -13.25 -5.99
C LEU A 70 -2.50 -13.96 -6.07
N VAL A 71 -2.52 -15.28 -5.89
CA VAL A 71 -3.79 -16.00 -5.87
C VAL A 71 -4.64 -15.53 -4.70
N ALA A 72 -4.05 -15.44 -3.50
CA ALA A 72 -4.82 -15.05 -2.33
C ALA A 72 -5.29 -13.61 -2.40
N LEU A 73 -4.60 -12.75 -3.15
CA LEU A 73 -5.03 -11.37 -3.36
C LEU A 73 -6.11 -11.25 -4.42
N GLY A 74 -6.44 -12.33 -5.11
CA GLY A 74 -7.53 -12.32 -6.07
C GLY A 74 -7.14 -11.95 -7.48
N VAL A 75 -5.85 -11.85 -7.79
CA VAL A 75 -5.40 -11.43 -9.11
C VAL A 75 -4.82 -12.58 -9.92
N LEU A 76 -4.74 -13.78 -9.36
CA LEU A 76 -4.40 -14.96 -10.13
C LEU A 76 -5.32 -16.09 -9.71
N GLU A 77 -5.59 -17.00 -10.65
CA GLU A 77 -6.26 -18.25 -10.37
C GLU A 77 -5.24 -19.37 -10.38
N ARG A 78 -5.56 -20.44 -9.65
CA ARG A 78 -4.72 -21.62 -9.63
C ARG A 78 -5.62 -22.83 -9.59
N THR A 79 -5.34 -23.82 -10.44
CA THR A 79 -6.10 -25.07 -10.49
C THR A 79 -5.14 -26.21 -10.78
N ASN A 80 -5.01 -27.13 -9.82
CA ASN A 80 -4.17 -28.31 -9.97
C ASN A 80 -2.72 -27.93 -10.25
N GLY A 81 -2.23 -26.89 -9.57
CA GLY A 81 -0.85 -26.48 -9.67
C GLY A 81 -0.50 -25.58 -10.83
N ALA A 82 -1.49 -25.13 -11.60
CA ALA A 82 -1.26 -24.27 -12.75
C ALA A 82 -1.95 -22.94 -12.52
N TYR A 83 -1.20 -21.86 -12.67
CA TYR A 83 -1.69 -20.51 -12.43
C TYR A 83 -2.24 -19.93 -13.72
N ALA A 84 -3.26 -19.07 -13.58
CA ALA A 84 -3.86 -18.46 -14.75
C ALA A 84 -4.35 -17.06 -14.42
N ASN A 85 -4.51 -16.25 -15.46
CA ASN A 85 -5.03 -14.90 -15.30
C ASN A 85 -6.47 -14.93 -14.80
N THR A 86 -6.80 -13.94 -13.99
CA THR A 86 -8.21 -13.62 -13.73
C THR A 86 -8.74 -12.78 -14.89
N PRO A 87 -10.07 -12.65 -15.01
CA PRO A 87 -10.61 -11.80 -16.09
C PRO A 87 -10.01 -10.41 -16.13
N ALA A 88 -9.73 -9.82 -14.97
CA ALA A 88 -9.17 -8.47 -14.95
C ALA A 88 -7.73 -8.45 -15.46
N THR A 89 -6.91 -9.41 -15.04
CA THR A 89 -5.51 -9.39 -15.44
C THR A 89 -5.34 -9.82 -16.89
N ALA A 90 -6.15 -10.77 -17.36
CA ALA A 90 -6.13 -11.12 -18.77
C ALA A 90 -6.52 -9.95 -19.65
N GLN A 91 -7.46 -9.12 -19.18
CA GLN A 91 -7.94 -8.01 -20.00
C GLN A 91 -7.02 -6.81 -19.94
N TYR A 92 -6.48 -6.49 -18.75
CA TYR A 92 -5.81 -5.22 -18.54
C TYR A 92 -4.32 -5.32 -18.24
N LEU A 93 -3.81 -6.48 -17.83
CA LEU A 93 -2.41 -6.58 -17.46
C LEU A 93 -1.59 -7.45 -18.42
N VAL A 94 -2.07 -7.63 -19.64
CA VAL A 94 -1.37 -8.39 -20.67
C VAL A 94 -0.76 -7.40 -21.65
N ARG A 95 0.58 -7.36 -21.68
CA ARG A 95 1.30 -6.46 -22.58
C ARG A 95 0.94 -6.71 -24.03
N GLY A 96 0.88 -5.63 -24.81
CA GLY A 96 0.59 -5.72 -26.23
C GLY A 96 -0.87 -5.60 -26.58
N LYS A 97 -1.78 -5.92 -25.67
CA LYS A 97 -3.19 -5.69 -25.92
C LYS A 97 -3.49 -4.20 -25.84
N SER A 98 -4.52 -3.77 -26.57
CA SER A 98 -4.84 -2.35 -26.66
C SER A 98 -5.25 -1.78 -25.31
N ALA A 99 -5.84 -2.61 -24.45
CA ALA A 99 -6.34 -2.16 -23.16
C ALA A 99 -5.31 -2.23 -22.05
N TYR A 100 -4.05 -2.54 -22.36
CA TYR A 100 -3.03 -2.78 -21.34
C TYR A 100 -2.81 -1.56 -20.47
N LEU A 101 -3.06 -1.71 -19.17
CA LEU A 101 -2.83 -0.64 -18.19
C LEU A 101 -1.65 -0.92 -17.27
N GLY A 102 -0.96 -2.04 -17.45
CA GLY A 102 0.12 -2.40 -16.52
C GLY A 102 1.25 -1.39 -16.48
N GLY A 103 1.35 -0.52 -17.49
CA GLY A 103 2.35 0.53 -17.45
C GLY A 103 2.21 1.43 -16.24
N LEU A 104 0.98 1.64 -15.77
CA LEU A 104 0.78 2.37 -14.51
C LEU A 104 1.49 1.68 -13.36
N LEU A 105 1.33 0.36 -13.26
CA LEU A 105 2.00 -0.37 -12.18
C LEU A 105 3.50 -0.42 -12.41
N GLU A 106 3.92 -0.54 -13.68
CA GLU A 106 5.35 -0.58 -13.96
C GLU A 106 6.03 0.70 -13.50
N MET A 107 5.41 1.84 -13.77
CA MET A 107 5.99 3.11 -13.36
C MET A 107 5.92 3.29 -11.85
N SER A 108 4.82 2.85 -11.23
CA SER A 108 4.73 2.88 -9.77
C SER A 108 5.87 2.08 -9.16
N ASP A 109 6.13 0.89 -9.70
CA ASP A 109 7.20 0.06 -9.17
C ASP A 109 8.56 0.71 -9.37
N ALA A 110 8.80 1.28 -10.54
CA ALA A 110 10.12 1.81 -10.88
C ALA A 110 10.40 3.16 -10.25
N ARG A 111 9.36 3.94 -9.93
CA ARG A 111 9.60 5.32 -9.54
C ARG A 111 8.73 5.78 -8.38
N MET A 112 7.42 5.55 -8.46
CA MET A 112 6.50 6.17 -7.51
C MET A 112 6.65 5.59 -6.10
N TYR A 113 6.89 4.27 -6.01
CA TYR A 113 7.03 3.64 -4.71
C TYR A 113 8.15 4.28 -3.90
N GLU A 114 9.32 4.45 -4.49
CA GLU A 114 10.43 5.05 -3.77
C GLU A 114 10.22 6.55 -3.57
N LEU A 115 9.58 7.22 -4.52
CA LEU A 115 9.29 8.64 -4.36
C LEU A 115 8.44 8.88 -3.13
N TRP A 116 7.39 8.09 -2.93
CA TRP A 116 6.56 8.21 -1.74
C TRP A 116 7.28 7.78 -0.47
N GLY A 117 8.35 6.99 -0.58
CA GLY A 117 9.21 6.76 0.56
C GLY A 117 9.85 8.01 1.12
N ARG A 118 9.83 9.12 0.37
CA ARG A 118 10.36 10.40 0.82
C ARG A 118 9.26 11.36 1.26
N LEU A 119 8.06 10.84 1.55
CA LEU A 119 6.95 11.69 1.98
C LEU A 119 7.33 12.53 3.19
N ASP A 120 7.99 11.92 4.18
CA ASP A 120 8.35 12.63 5.40
C ASP A 120 9.18 13.87 5.08
N GLU A 121 10.14 13.75 4.17
CA GLU A 121 11.01 14.88 3.85
C GLU A 121 10.29 15.92 3.01
N GLY A 122 9.40 15.48 2.12
CA GLY A 122 8.57 16.45 1.41
C GLY A 122 7.68 17.24 2.36
N LEU A 123 7.07 16.55 3.33
CA LEU A 123 6.22 17.23 4.30
C LEU A 123 7.03 18.18 5.18
N ARG A 124 8.27 17.81 5.51
CA ARG A 124 9.07 18.68 6.38
C ARG A 124 9.57 19.91 5.65
N THR A 125 10.02 19.76 4.40
CA THR A 125 10.60 20.87 3.67
C THR A 125 9.63 21.60 2.75
N GLY A 126 8.52 20.97 2.39
CA GLY A 126 7.67 21.56 1.37
C GLY A 126 8.25 21.50 -0.02
N ASN A 127 9.34 20.75 -0.22
CA ASN A 127 10.03 20.73 -1.49
C ASN A 127 9.80 19.41 -2.20
N PRO A 128 9.77 19.40 -3.53
CA PRO A 128 9.58 18.15 -4.26
C PRO A 128 10.75 17.20 -3.99
N GLN A 129 10.47 15.90 -4.10
CA GLN A 129 11.44 14.88 -3.70
C GLN A 129 11.86 14.00 -4.86
N ASN A 130 11.50 14.36 -6.10
CA ASN A 130 11.80 13.54 -7.27
C ASN A 130 13.12 13.98 -7.90
N GLU A 131 13.17 14.00 -9.23
CA GLU A 131 14.38 14.39 -9.93
C GLU A 131 14.80 15.83 -9.67
N ILE A 132 13.88 16.68 -9.20
CA ILE A 132 14.25 18.06 -8.85
C ILE A 132 15.19 18.06 -7.65
N ARG A 133 14.94 17.19 -6.68
CA ARG A 133 15.81 17.06 -5.53
C ARG A 133 17.20 16.55 -5.93
N THR A 134 17.25 15.64 -6.92
CA THR A 134 18.50 15.01 -7.36
C THR A 134 18.94 15.46 -8.75
N PRO A 147 12.95 2.82 -20.79
CA PRO A 147 12.81 2.94 -22.25
C PRO A 147 11.45 2.46 -22.74
N ASP A 148 11.20 1.15 -22.67
CA ASP A 148 9.90 0.61 -23.02
C ASP A 148 8.88 0.75 -21.90
N ARG A 149 9.35 0.94 -20.66
CA ARG A 149 8.44 1.20 -19.54
C ARG A 149 7.80 2.58 -19.65
N LEU A 150 8.42 3.51 -20.38
CA LEU A 150 7.81 4.81 -20.59
C LEU A 150 6.73 4.76 -21.67
N ASP A 151 6.95 3.97 -22.72
CA ASP A 151 5.89 3.76 -23.72
C ASP A 151 4.67 3.11 -23.08
N ALA A 152 4.89 2.04 -22.31
CA ALA A 152 3.79 1.35 -21.65
C ALA A 152 3.02 2.29 -20.71
N PHE A 153 3.75 3.08 -19.91
CA PHE A 153 3.11 4.05 -19.03
C PHE A 153 2.30 5.06 -19.83
N GLN A 154 2.83 5.52 -20.98
CA GLN A 154 2.10 6.44 -21.84
C GLN A 154 0.87 5.79 -22.46
N GLN A 155 0.96 4.51 -22.80
CA GLN A 155 -0.22 3.77 -23.23
C GLN A 155 -1.28 3.75 -22.14
N ALA A 156 -0.85 3.54 -20.89
CA ALA A 156 -1.78 3.54 -19.76
C ALA A 156 -2.40 4.91 -19.55
N MET A 157 -1.59 5.98 -19.65
CA MET A 157 -2.13 7.33 -19.53
C MET A 157 -3.16 7.60 -20.60
N THR A 158 -2.85 7.23 -21.85
CA THR A 158 -3.83 7.35 -22.93
C THR A 158 -5.10 6.56 -22.60
N GLY A 159 -4.95 5.39 -21.99
CA GLY A 159 -6.11 4.63 -21.53
C GLY A 159 -6.97 5.41 -20.56
N LEU A 160 -6.39 5.86 -19.44
CA LEU A 160 -7.15 6.63 -18.46
C LEU A 160 -7.71 7.91 -19.07
N SER A 161 -6.93 8.55 -19.94
CA SER A 161 -7.44 9.73 -20.64
C SER A 161 -8.69 9.38 -21.45
N MET A 162 -8.71 8.20 -22.07
CA MET A 162 -9.84 7.80 -22.88
C MET A 162 -11.11 7.66 -22.03
N ARG A 163 -10.98 7.13 -20.81
CA ARG A 163 -12.12 7.03 -19.91
C ARG A 163 -12.70 8.40 -19.60
N SER A 164 -11.83 9.33 -19.20
CA SER A 164 -12.28 10.72 -18.99
C SER A 164 -12.93 11.26 -20.26
N ALA A 165 -12.36 10.93 -21.43
CA ALA A 165 -12.89 11.45 -22.69
C ALA A 165 -14.25 10.87 -23.02
N HIS A 166 -14.46 9.57 -22.79
CA HIS A 166 -15.78 8.98 -23.02
C HIS A 166 -16.84 9.68 -22.16
N ALA A 167 -16.53 9.89 -20.88
CA ALA A 167 -17.47 10.57 -19.98
C ALA A 167 -17.69 12.02 -20.40
N LEU A 168 -16.61 12.71 -20.77
CA LEU A 168 -16.73 14.12 -21.14
C LEU A 168 -17.65 14.29 -22.34
N ALA A 169 -17.59 13.35 -23.30
CA ALA A 169 -18.42 13.43 -24.50
C ALA A 169 -19.90 13.36 -24.15
N GLU A 170 -20.26 12.58 -23.12
CA GLU A 170 -21.65 12.39 -22.74
C GLU A 170 -22.13 13.36 -21.66
N ALA A 171 -21.21 13.97 -20.91
CA ALA A 171 -21.59 14.77 -19.76
C ALA A 171 -21.99 16.19 -20.11
N ILE A 172 -21.62 16.67 -21.28
CA ILE A 172 -21.89 18.03 -21.72
C ILE A 172 -22.69 17.97 -23.01
N ASP A 173 -23.65 18.88 -23.16
CA ASP A 173 -24.38 18.98 -24.42
C ASP A 173 -23.48 19.68 -25.42
N TRP A 174 -22.68 18.88 -26.12
CA TRP A 174 -21.71 19.42 -27.06
C TRP A 174 -22.35 19.95 -28.34
N SER A 175 -23.65 19.67 -28.56
CA SER A 175 -24.33 20.24 -29.73
C SER A 175 -24.45 21.75 -29.64
N ALA A 176 -24.36 22.32 -28.45
CA ALA A 176 -24.42 23.77 -28.28
C ALA A 176 -23.17 24.48 -28.78
N TYR A 177 -22.08 23.76 -29.03
CA TYR A 177 -20.81 24.37 -29.39
C TYR A 177 -20.33 23.88 -30.75
N ARG A 178 -19.55 24.71 -31.43
CA ARG A 178 -19.01 24.37 -32.73
C ARG A 178 -17.51 24.13 -32.72
N THR A 179 -16.78 24.76 -31.81
CA THR A 179 -15.34 24.65 -31.74
C THR A 179 -14.92 24.40 -30.31
N VAL A 180 -13.84 23.65 -30.15
CA VAL A 180 -13.30 23.33 -28.84
C VAL A 180 -11.78 23.42 -28.94
N ALA A 181 -11.14 23.92 -27.89
CA ALA A 181 -9.69 23.94 -27.80
C ALA A 181 -9.27 23.24 -26.51
N ASP A 182 -8.39 22.26 -26.63
CA ASP A 182 -7.88 21.56 -25.46
C ASP A 182 -6.52 22.18 -25.14
N ILE A 183 -6.43 22.80 -23.98
CA ILE A 183 -5.25 23.56 -23.58
C ILE A 183 -4.30 22.65 -22.79
N GLY A 184 -3.09 22.44 -23.31
CA GLY A 184 -2.20 21.44 -22.77
C GLY A 184 -2.70 20.04 -23.14
N CYS A 185 -2.91 19.82 -24.43
CA CYS A 185 -3.65 18.66 -24.92
C CYS A 185 -2.82 17.38 -24.94
N ALA A 186 -1.49 17.47 -24.81
CA ALA A 186 -0.59 16.31 -24.91
C ALA A 186 -0.85 15.64 -26.26
N GLU A 187 -0.97 14.31 -26.33
CA GLU A 187 -1.11 13.63 -27.61
C GLU A 187 -2.51 13.77 -28.21
N GLY A 188 -3.44 14.41 -27.52
CA GLY A 188 -4.73 14.74 -28.10
C GLY A 188 -5.82 13.71 -27.92
N THR A 189 -5.67 12.82 -26.94
CA THR A 189 -6.59 11.68 -26.81
C THR A 189 -8.02 12.14 -26.55
N VAL A 190 -8.21 13.06 -25.60
CA VAL A 190 -9.55 13.56 -25.28
C VAL A 190 -10.15 14.29 -26.47
N LEU A 191 -9.37 15.20 -27.05
CA LEU A 191 -9.85 15.96 -28.19
C LEU A 191 -10.25 15.05 -29.35
N ILE A 192 -9.42 14.06 -29.65
CA ILE A 192 -9.73 13.15 -30.76
C ILE A 192 -11.04 12.41 -30.49
N HIS A 193 -11.21 11.92 -29.25
CA HIS A 193 -12.43 11.15 -28.96
C HIS A 193 -13.66 12.04 -28.99
N LEU A 194 -13.55 13.26 -28.49
CA LEU A 194 -14.65 14.22 -28.53
C LEU A 194 -15.11 14.44 -29.97
N LEU A 195 -14.17 14.64 -30.89
CA LEU A 195 -14.54 14.90 -32.28
C LEU A 195 -15.05 13.64 -32.97
N GLU A 196 -14.61 12.47 -32.51
CA GLU A 196 -15.15 11.22 -33.06
C GLU A 196 -16.57 11.00 -32.61
N ARG A 197 -16.89 11.36 -31.37
CA ARG A 197 -18.25 11.19 -30.87
C ARG A 197 -19.20 12.26 -31.37
N HIS A 198 -18.69 13.47 -31.65
CA HIS A 198 -19.52 14.59 -32.08
C HIS A 198 -18.93 15.13 -33.38
N PRO A 199 -19.38 14.64 -34.52
CA PRO A 199 -18.76 15.00 -35.82
C PRO A 199 -18.95 16.46 -36.22
N HIS A 200 -19.85 17.22 -35.59
CA HIS A 200 -19.98 18.64 -35.94
C HIS A 200 -18.85 19.50 -35.37
N LEU A 201 -18.12 18.99 -34.39
CA LEU A 201 -17.09 19.77 -33.71
C LEU A 201 -15.84 19.90 -34.56
N ARG A 202 -15.20 21.07 -34.46
CA ARG A 202 -13.85 21.30 -34.94
C ARG A 202 -12.96 21.54 -33.72
N GLY A 203 -11.74 21.01 -33.75
CA GLY A 203 -10.91 20.98 -32.57
C GLY A 203 -9.52 21.54 -32.82
N THR A 204 -8.98 22.18 -31.77
CA THR A 204 -7.59 22.65 -31.78
C THR A 204 -6.91 22.17 -30.50
N GLY A 205 -5.81 21.44 -30.65
CA GLY A 205 -4.98 21.07 -29.53
C GLY A 205 -3.85 22.07 -29.38
N PHE A 206 -3.62 22.52 -28.15
CA PHE A 206 -2.62 23.54 -27.83
C PHE A 206 -1.61 22.93 -26.86
N ASP A 207 -0.34 22.90 -27.25
CA ASP A 207 0.69 22.39 -26.36
C ASP A 207 2.05 22.90 -26.83
N LEU A 208 3.08 22.58 -26.04
CA LEU A 208 4.45 22.89 -26.41
C LEU A 208 4.81 22.25 -27.74
N ALA A 209 5.71 22.90 -28.48
CA ALA A 209 6.10 22.42 -29.80
C ALA A 209 6.60 20.98 -29.76
N ALA A 210 7.28 20.59 -28.68
CA ALA A 210 7.82 19.23 -28.59
C ALA A 210 6.73 18.17 -28.61
N VAL A 211 5.51 18.53 -28.23
CA VAL A 211 4.40 17.59 -28.23
C VAL A 211 3.83 17.36 -29.64
N ARG A 212 4.08 18.27 -30.57
CA ARG A 212 3.46 18.24 -31.89
C ARG A 212 3.57 16.89 -32.60
N PRO A 213 4.73 16.22 -32.65
CA PRO A 213 4.76 14.93 -33.38
C PRO A 213 3.89 13.85 -32.78
N SER A 214 3.89 13.69 -31.46
CA SER A 214 3.02 12.69 -30.84
C SER A 214 1.55 12.98 -31.13
N PHE A 215 1.15 14.25 -31.03
CA PHE A 215 -0.23 14.64 -31.34
C PHE A 215 -0.56 14.36 -32.80
N GLN A 216 0.34 14.67 -33.73
CA GLN A 216 0.01 14.52 -35.14
C GLN A 216 -0.05 13.05 -35.55
N ARG A 217 0.73 12.19 -34.89
CA ARG A 217 0.62 10.75 -35.15
C ARG A 217 -0.78 10.23 -34.79
N ARG A 218 -1.32 10.68 -33.65
CA ARG A 218 -2.68 10.32 -33.28
C ARG A 218 -3.69 10.97 -34.21
N HIS A 219 -3.43 12.22 -34.61
CA HIS A 219 -4.30 12.89 -35.57
C HIS A 219 -4.38 12.09 -36.87
N GLU A 220 -3.22 11.66 -37.39
CA GLU A 220 -3.22 10.89 -38.63
C GLU A 220 -3.96 9.58 -38.46
N GLU A 221 -3.76 8.89 -37.33
CA GLU A 221 -4.44 7.63 -37.09
C GLU A 221 -5.95 7.82 -36.99
N SER A 222 -6.40 8.95 -36.45
CA SER A 222 -7.83 9.18 -36.23
C SER A 222 -8.61 9.40 -37.52
N GLY A 223 -7.95 9.79 -38.61
CA GLY A 223 -8.65 10.12 -39.84
C GLY A 223 -9.50 11.37 -39.79
N LEU A 224 -9.36 12.19 -38.73
CA LEU A 224 -10.18 13.38 -38.59
C LEU A 224 -9.84 14.48 -39.60
N GLY A 225 -8.64 14.43 -40.18
CA GLY A 225 -8.27 15.40 -41.19
C GLY A 225 -8.34 16.82 -40.69
N ASP A 226 -8.86 17.71 -41.54
CA ASP A 226 -8.90 19.15 -41.26
C ASP A 226 -9.79 19.50 -40.08
N ARG A 227 -10.58 18.57 -39.55
CA ARG A 227 -11.41 18.87 -38.39
C ARG A 227 -10.61 19.11 -37.13
N LEU A 228 -9.34 18.74 -37.12
CA LEU A 228 -8.50 18.82 -35.94
C LEU A 228 -7.19 19.48 -36.30
N ALA A 229 -6.74 20.44 -35.49
CA ALA A 229 -5.46 21.10 -35.71
C ALA A 229 -4.69 21.18 -34.40
N PHE A 230 -3.38 21.36 -34.54
CA PHE A 230 -2.49 21.58 -33.40
C PHE A 230 -1.91 22.97 -33.50
N ARG A 231 -1.88 23.69 -32.37
CA ARG A 231 -1.18 24.97 -32.29
C ARG A 231 -0.11 24.84 -31.24
N ALA A 232 1.15 24.98 -31.67
CA ALA A 232 2.25 25.03 -30.73
C ALA A 232 2.25 26.36 -29.99
N GLY A 233 2.44 26.33 -28.68
CA GLY A 233 2.46 27.56 -27.91
C GLY A 233 2.83 27.31 -26.47
N ASP A 234 3.17 28.40 -25.79
CA ASP A 234 3.44 28.42 -24.36
C ASP A 234 2.32 29.25 -23.73
N PHE A 235 1.46 28.61 -22.93
CA PHE A 235 0.31 29.34 -22.41
C PHE A 235 0.66 30.30 -21.28
N PHE A 236 1.92 30.38 -20.87
CA PHE A 236 2.34 31.42 -19.94
C PHE A 236 2.92 32.62 -20.66
N ALA A 237 2.92 32.63 -21.98
CA ALA A 237 3.54 33.70 -22.74
C ALA A 237 2.72 34.20 -23.91
N GLU A 238 1.61 33.57 -24.26
CA GLU A 238 0.84 34.01 -25.42
C GLU A 238 -0.62 33.71 -25.15
N PRO A 239 -1.53 34.26 -25.96
CA PRO A 239 -2.95 33.97 -25.76
C PRO A 239 -3.33 32.56 -26.19
N LEU A 240 -4.49 32.13 -25.68
CA LEU A 240 -5.04 30.82 -26.01
C LEU A 240 -5.89 30.91 -27.27
N PRO A 241 -6.02 29.78 -28.00
CA PRO A 241 -6.88 29.79 -29.20
C PRO A 241 -8.31 30.10 -28.83
N GLN A 242 -8.95 30.93 -29.67
CA GLN A 242 -10.38 31.18 -29.54
C GLN A 242 -11.15 29.93 -29.94
N ALA A 243 -12.14 29.58 -29.12
CA ALA A 243 -13.04 28.46 -29.40
C ALA A 243 -14.26 28.63 -28.51
N ASP A 244 -15.31 27.86 -28.81
CA ASP A 244 -16.53 27.95 -28.01
C ASP A 244 -16.34 27.31 -26.64
N ALA A 245 -15.49 26.29 -26.55
CA ALA A 245 -15.23 25.56 -25.31
C ALA A 245 -13.73 25.41 -25.15
N LEU A 246 -13.22 25.72 -23.97
CA LEU A 246 -11.82 25.47 -23.64
C LEU A 246 -11.74 24.41 -22.55
N VAL A 247 -10.85 23.44 -22.73
CA VAL A 247 -10.69 22.30 -21.82
C VAL A 247 -9.33 22.39 -21.17
N PHE A 248 -9.28 22.20 -19.85
CA PHE A 248 -8.04 22.14 -19.06
C PHE A 248 -8.06 20.83 -18.28
N GLY A 249 -7.46 19.79 -18.85
CA GLY A 249 -7.35 18.53 -18.15
C GLY A 249 -6.02 18.40 -17.43
N HIS A 250 -6.06 18.35 -16.10
CA HIS A 250 -4.85 18.18 -15.30
C HIS A 250 -3.79 19.23 -15.67
N ILE A 251 -4.23 20.49 -15.70
CA ILE A 251 -3.36 21.62 -16.02
C ILE A 251 -3.11 22.50 -14.80
N LEU A 252 -4.17 23.10 -14.25
CA LEU A 252 -3.99 24.10 -13.21
C LEU A 252 -3.30 23.53 -11.98
N SER A 253 -3.44 22.22 -11.75
CA SER A 253 -2.87 21.60 -10.55
C SER A 253 -1.35 21.52 -10.59
N ASN A 254 -0.72 21.71 -11.74
CA ASN A 254 0.74 21.57 -11.82
C ASN A 254 1.47 22.79 -11.30
N TRP A 255 0.77 23.89 -11.08
CA TRP A 255 1.39 25.20 -10.89
C TRP A 255 0.89 25.85 -9.62
N ALA A 256 1.67 26.80 -9.12
CA ALA A 256 1.20 27.63 -8.02
C ALA A 256 -0.03 28.43 -8.46
N LEU A 257 -0.86 28.78 -7.48
CA LEU A 257 -2.16 29.42 -7.78
C LEU A 257 -2.08 30.69 -8.62
N PRO A 258 -1.14 31.62 -8.44
CA PRO A 258 -1.15 32.79 -9.33
C PRO A 258 -1.02 32.41 -10.80
N LYS A 259 -0.36 31.30 -11.10
CA LYS A 259 -0.21 30.87 -12.48
C LYS A 259 -1.51 30.25 -12.99
N ALA A 260 -2.22 29.53 -12.12
CA ALA A 260 -3.52 28.99 -12.52
C ALA A 260 -4.51 30.10 -12.81
N LYS A 261 -4.49 31.17 -12.02
CA LYS A 261 -5.42 32.28 -12.26
C LYS A 261 -5.09 33.01 -13.55
N THR A 262 -3.80 33.10 -13.87
CA THR A 262 -3.39 33.62 -15.17
C THR A 262 -4.04 32.81 -16.30
N LEU A 263 -4.10 31.49 -16.15
CA LEU A 263 -4.66 30.65 -17.21
C LEU A 263 -6.16 30.86 -17.35
N LEU A 264 -6.86 31.07 -16.23
CA LEU A 264 -8.30 31.29 -16.31
C LEU A 264 -8.63 32.64 -16.93
N ARG A 265 -7.81 33.66 -16.66
CA ARG A 265 -7.98 34.95 -17.32
C ARG A 265 -7.85 34.80 -18.84
N LYS A 266 -6.81 34.10 -19.28
CA LYS A 266 -6.65 33.85 -20.71
C LYS A 266 -7.78 33.02 -21.28
N ALA A 267 -8.31 32.08 -20.50
CA ALA A 267 -9.44 31.29 -21.00
C ALA A 267 -10.67 32.18 -21.17
N HIS A 268 -10.91 33.06 -20.21
CA HIS A 268 -12.06 33.95 -20.30
C HIS A 268 -11.91 34.89 -21.49
N GLU A 269 -10.67 35.30 -21.80
CA GLU A 269 -10.45 36.20 -22.92
C GLU A 269 -10.60 35.49 -24.25
N ALA A 270 -10.41 34.16 -24.27
CA ALA A 270 -10.49 33.38 -25.51
C ALA A 270 -11.92 32.98 -25.86
N LEU A 271 -12.83 33.03 -24.90
CA LEU A 271 -14.17 32.49 -25.09
C LEU A 271 -15.14 33.56 -25.62
N PRO A 272 -16.18 33.13 -26.34
CA PRO A 272 -17.28 34.04 -26.64
C PRO A 272 -18.26 34.09 -25.49
N GLU A 273 -19.22 35.02 -25.58
CA GLU A 273 -20.34 34.99 -24.64
C GLU A 273 -21.07 33.66 -24.77
N GLY A 274 -21.35 33.02 -23.63
CA GLY A 274 -21.98 31.72 -23.63
C GLY A 274 -21.04 30.56 -23.85
N GLY A 275 -19.76 30.83 -24.16
CA GLY A 275 -18.79 29.77 -24.22
C GLY A 275 -18.46 29.24 -22.83
N ILE A 276 -17.84 28.06 -22.79
CA ILE A 276 -17.61 27.41 -21.51
C ILE A 276 -16.15 27.06 -21.35
N VAL A 277 -15.71 27.01 -20.10
CA VAL A 277 -14.41 26.44 -19.76
C VAL A 277 -14.67 25.18 -18.96
N VAL A 278 -13.94 24.12 -19.29
CA VAL A 278 -14.08 22.82 -18.66
C VAL A 278 -12.74 22.48 -18.02
N ILE A 279 -12.73 22.36 -16.69
CA ILE A 279 -11.53 22.07 -15.92
C ILE A 279 -11.77 20.74 -15.25
N TYR A 280 -10.89 19.75 -15.47
CA TYR A 280 -11.05 18.49 -14.77
C TYR A 280 -9.73 18.05 -14.15
N GLU A 281 -9.87 17.38 -13.00
CA GLU A 281 -8.80 17.06 -12.07
C GLU A 281 -9.31 15.92 -11.21
N THR A 282 -8.40 15.29 -10.47
CA THR A 282 -8.85 14.42 -9.38
C THR A 282 -9.14 15.34 -8.20
N LEU A 283 -10.28 16.05 -8.28
CA LEU A 283 -10.61 17.07 -7.31
C LEU A 283 -10.85 16.48 -5.93
N ILE A 284 -10.44 17.22 -4.91
CA ILE A 284 -10.82 16.91 -3.54
C ILE A 284 -12.26 17.34 -3.33
N ASP A 285 -13.02 16.57 -2.55
CA ASP A 285 -14.37 17.00 -2.22
C ASP A 285 -14.33 18.33 -1.48
N ASP A 286 -15.41 19.12 -1.62
CA ASP A 286 -15.42 20.48 -1.08
C ASP A 286 -15.18 20.53 0.42
N GLU A 287 -15.62 19.51 1.17
CA GLU A 287 -15.44 19.51 2.61
C GLU A 287 -14.08 18.96 3.04
N ARG A 288 -13.28 18.49 2.09
CA ARG A 288 -11.96 17.93 2.35
C ARG A 288 -12.01 16.87 3.47
N ARG A 289 -12.99 15.97 3.40
CA ARG A 289 -13.04 14.88 4.36
C ARG A 289 -13.41 13.53 3.75
N GLU A 290 -13.58 13.44 2.43
CA GLU A 290 -14.09 12.20 1.82
C GLU A 290 -13.20 11.62 0.74
N ASN A 291 -12.61 12.45 -0.13
CA ASN A 291 -12.05 11.96 -1.39
C ASN A 291 -10.58 11.61 -1.19
N VAL A 292 -10.32 10.33 -0.90
CA VAL A 292 -8.94 9.91 -0.65
C VAL A 292 -8.06 10.09 -1.90
N PRO A 293 -8.49 9.68 -3.11
CA PRO A 293 -7.60 9.85 -4.26
C PRO A 293 -7.21 11.28 -4.54
N GLY A 294 -8.15 12.21 -4.38
CA GLY A 294 -7.82 13.61 -4.59
C GLY A 294 -6.83 14.12 -3.56
N LEU A 295 -7.01 13.71 -2.30
CA LEU A 295 -6.08 14.16 -1.27
C LEU A 295 -4.71 13.53 -1.46
N LEU A 296 -4.66 12.25 -1.82
CA LEU A 296 -3.37 11.62 -2.13
C LEU A 296 -2.71 12.30 -3.31
N MET A 297 -3.51 12.75 -4.28
CA MET A 297 -2.94 13.45 -5.43
C MET A 297 -2.33 14.78 -5.02
N SER A 298 -2.90 15.46 -4.02
CA SER A 298 -2.26 16.69 -3.55
C SER A 298 -0.87 16.39 -3.00
N LEU A 299 -0.72 15.25 -2.32
CA LEU A 299 0.60 14.85 -1.84
C LEU A 299 1.51 14.43 -2.99
N THR A 300 0.95 13.83 -4.04
CA THR A 300 1.74 13.57 -5.24
C THR A 300 2.27 14.88 -5.83
N MET A 301 1.44 15.93 -5.87
CA MET A 301 1.90 17.20 -6.39
C MET A 301 2.97 17.83 -5.50
N LEU A 302 2.90 17.61 -4.19
CA LEU A 302 4.00 18.00 -3.31
C LEU A 302 5.31 17.32 -3.72
N LEU A 303 5.26 16.01 -3.95
CA LEU A 303 6.49 15.28 -4.20
C LEU A 303 7.06 15.51 -5.60
N GLU A 304 6.23 15.96 -6.53
CA GLU A 304 6.59 15.99 -7.94
C GLU A 304 6.83 17.39 -8.50
N THR A 305 6.29 18.44 -7.89
CA THR A 305 6.35 19.78 -8.45
C THR A 305 6.77 20.83 -7.43
N PRO A 306 7.34 21.96 -7.89
CA PRO A 306 7.67 23.04 -6.95
C PRO A 306 6.46 23.65 -6.27
N GLY A 307 5.36 23.84 -6.99
CA GLY A 307 4.24 24.55 -6.42
C GLY A 307 2.87 24.02 -6.77
N GLY A 308 2.83 22.82 -7.35
CA GLY A 308 1.56 22.24 -7.74
C GLY A 308 0.74 21.85 -6.53
N PHE A 309 -0.56 21.69 -6.76
CA PHE A 309 -1.47 21.39 -5.66
C PHE A 309 -2.78 20.85 -6.23
N GLU A 310 -3.41 19.96 -5.48
CA GLU A 310 -4.77 19.57 -5.78
C GLU A 310 -5.74 20.47 -5.02
N TYR A 311 -6.93 20.67 -5.59
CA TYR A 311 -7.90 21.61 -5.03
C TYR A 311 -9.31 21.02 -5.09
N THR A 312 -10.26 21.75 -4.53
CA THR A 312 -11.67 21.40 -4.55
C THR A 312 -12.39 22.14 -5.67
N GLY A 313 -13.54 21.59 -6.06
CA GLY A 313 -14.44 22.32 -6.94
C GLY A 313 -14.79 23.70 -6.42
N ALA A 314 -15.06 23.82 -5.11
CA ALA A 314 -15.44 25.11 -4.55
C ALA A 314 -14.28 26.12 -4.64
N ASP A 315 -13.04 25.67 -4.39
CA ASP A 315 -11.87 26.51 -4.66
C ASP A 315 -11.92 27.07 -6.07
N CYS A 316 -12.11 26.18 -7.04
CA CYS A 316 -12.07 26.55 -8.45
C CYS A 316 -13.20 27.50 -8.80
N ARG A 317 -14.40 27.26 -8.26
CA ARG A 317 -15.51 28.17 -8.53
C ARG A 317 -15.18 29.59 -8.07
N GLU A 318 -14.45 29.73 -6.96
CA GLU A 318 -14.06 31.07 -6.52
C GLU A 318 -13.10 31.72 -7.50
N TRP A 319 -12.12 30.96 -8.02
CA TRP A 319 -11.19 31.53 -9.00
C TRP A 319 -11.92 31.96 -10.26
N LEU A 320 -12.84 31.13 -10.74
CA LEU A 320 -13.58 31.44 -11.96
C LEU A 320 -14.48 32.67 -11.78
N ALA A 321 -15.00 32.88 -10.58
CA ALA A 321 -15.78 34.08 -10.32
C ALA A 321 -14.89 35.32 -10.34
N ASP A 322 -13.70 35.22 -9.76
CA ASP A 322 -12.75 36.33 -9.82
C ASP A 322 -12.40 36.68 -11.26
N ALA A 323 -12.25 35.65 -12.11
CA ALA A 323 -11.89 35.84 -13.51
C ALA A 323 -13.05 36.37 -14.37
N GLY A 324 -14.28 36.36 -13.86
CA GLY A 324 -15.39 37.00 -14.54
C GLY A 324 -16.45 36.08 -15.09
N PHE A 325 -16.30 34.76 -14.95
CA PHE A 325 -17.30 33.84 -15.49
C PHE A 325 -18.64 34.04 -14.80
N ARG A 326 -19.71 34.01 -15.58
CA ARG A 326 -21.04 34.35 -15.06
C ARG A 326 -21.51 33.32 -14.04
N GLU A 327 -21.22 32.04 -14.28
CA GLU A 327 -21.73 30.99 -13.43
C GLU A 327 -20.83 29.77 -13.57
N SER A 328 -20.91 28.86 -12.59
CA SER A 328 -20.09 27.66 -12.58
C SER A 328 -20.82 26.56 -11.83
N ARG A 329 -20.38 25.32 -12.07
CA ARG A 329 -20.85 24.18 -11.30
C ARG A 329 -19.78 23.09 -11.29
N VAL A 330 -19.83 22.26 -10.26
CA VAL A 330 -18.96 21.09 -10.14
C VAL A 330 -19.76 19.86 -10.55
N GLN A 331 -19.12 18.96 -11.28
CA GLN A 331 -19.81 17.79 -11.79
C GLN A 331 -18.86 16.60 -11.80
N TYR A 332 -19.36 15.43 -11.40
CA TYR A 332 -18.56 14.21 -11.49
C TYR A 332 -18.26 13.88 -12.95
N LEU A 333 -17.08 13.29 -13.19
CA LEU A 333 -16.74 12.90 -14.55
C LEU A 333 -16.64 11.38 -14.67
N ALA A 334 -15.54 10.79 -14.23
CA ALA A 334 -15.38 9.34 -14.23
C ALA A 334 -14.15 8.96 -13.44
N GLY A 335 -14.15 7.75 -12.91
CA GLY A 335 -13.10 7.30 -12.03
C GLY A 335 -12.91 8.25 -10.88
N PRO A 336 -11.66 8.66 -10.63
CA PRO A 336 -11.39 9.68 -9.61
C PRO A 336 -11.52 11.11 -10.10
N GLU A 337 -11.91 11.33 -11.36
CA GLU A 337 -11.91 12.66 -11.96
C GLU A 337 -13.28 13.32 -11.80
N SER A 338 -13.25 14.63 -11.57
CA SER A 338 -14.47 15.43 -11.65
C SER A 338 -14.09 16.74 -12.34
N MET A 339 -15.08 17.58 -12.60
CA MET A 339 -14.81 18.78 -13.38
C MET A 339 -15.59 19.97 -12.85
N VAL A 340 -15.08 21.14 -13.18
CA VAL A 340 -15.75 22.42 -12.95
C VAL A 340 -16.03 23.02 -14.31
N ILE A 341 -17.29 23.38 -14.55
CA ILE A 341 -17.70 23.99 -15.80
C ILE A 341 -18.19 25.40 -15.51
N ALA A 342 -17.67 26.37 -16.25
CA ALA A 342 -18.09 27.75 -16.06
C ALA A 342 -18.50 28.34 -17.40
N THR A 343 -19.47 29.26 -17.37
CA THR A 343 -19.94 29.95 -18.56
C THR A 343 -19.52 31.41 -18.52
N LYS A 344 -18.95 31.88 -19.63
CA LYS A 344 -18.62 33.29 -19.77
C LYS A 344 -19.90 34.08 -19.95
N PRO B 12 -16.00 -2.92 -10.51
CA PRO B 12 -15.09 -3.70 -11.36
C PRO B 12 -13.89 -4.23 -10.58
N ALA B 13 -13.56 -5.51 -10.81
CA ALA B 13 -12.41 -6.10 -10.13
C ALA B 13 -11.12 -5.39 -10.49
N ILE B 14 -11.07 -4.76 -11.66
CA ILE B 14 -9.86 -4.03 -12.06
C ILE B 14 -9.68 -2.78 -11.21
N ASP B 15 -10.79 -2.13 -10.84
CA ASP B 15 -10.69 -1.00 -9.92
C ASP B 15 -10.16 -1.44 -8.57
N ARG B 16 -10.55 -2.64 -8.12
CA ARG B 16 -10.00 -3.17 -6.88
C ARG B 16 -8.53 -3.52 -7.02
N LEU B 17 -8.15 -4.12 -8.14
CA LEU B 17 -6.74 -4.44 -8.38
C LEU B 17 -5.89 -3.17 -8.33
N LEU B 18 -6.35 -2.11 -8.99
CA LEU B 18 -5.57 -0.87 -9.02
C LEU B 18 -5.50 -0.21 -7.65
N GLN B 19 -6.54 -0.37 -6.81
CA GLN B 19 -6.48 0.18 -5.46
C GLN B 19 -5.45 -0.56 -4.60
N ILE B 20 -5.36 -1.88 -4.75
CA ILE B 20 -4.31 -2.63 -4.05
C ILE B 20 -2.94 -2.19 -4.55
N ALA B 21 -2.78 -2.06 -5.87
CA ALA B 21 -1.48 -1.78 -6.46
C ALA B 21 -0.94 -0.44 -5.97
N THR B 22 -1.80 0.55 -5.78
CA THR B 22 -1.36 1.86 -5.32
C THR B 22 -1.55 2.06 -3.83
N GLY B 23 -1.80 0.98 -3.08
CA GLY B 23 -1.96 1.07 -1.64
C GLY B 23 -0.75 1.59 -0.89
N PHE B 24 0.42 1.65 -1.53
CA PHE B 24 1.59 2.17 -0.84
C PHE B 24 1.43 3.66 -0.48
N MET B 25 0.56 4.39 -1.17
CA MET B 25 0.42 5.82 -0.90
C MET B 25 -0.28 6.06 0.44
N ALA B 26 -1.49 5.50 0.59
CA ALA B 26 -2.20 5.61 1.86
C ALA B 26 -1.45 4.94 2.99
N SER B 27 -0.71 3.88 2.68
CA SER B 27 0.14 3.25 3.68
C SER B 27 1.19 4.21 4.21
N LYS B 28 1.89 4.92 3.31
CA LYS B 28 2.93 5.86 3.75
C LYS B 28 2.36 7.04 4.51
N VAL B 29 1.16 7.50 4.15
CA VAL B 29 0.49 8.53 4.94
C VAL B 29 0.36 8.08 6.39
N LEU B 30 -0.15 6.87 6.61
CA LEU B 30 -0.31 6.36 7.98
C LEU B 30 1.03 6.10 8.66
N LEU B 31 2.00 5.55 7.92
CA LEU B 31 3.30 5.26 8.51
C LEU B 31 4.00 6.53 8.97
N VAL B 32 3.98 7.57 8.14
CA VAL B 32 4.63 8.83 8.51
C VAL B 32 3.92 9.45 9.70
N ALA B 33 2.59 9.36 9.73
CA ALA B 33 1.84 9.83 10.89
C ALA B 33 2.33 9.14 12.16
N ALA B 34 2.47 7.81 12.11
CA ALA B 34 2.88 7.06 13.29
C ALA B 34 4.33 7.36 13.67
N SER B 35 5.21 7.51 12.68
CA SER B 35 6.61 7.81 13.01
C SER B 35 6.76 9.24 13.55
N LEU B 36 5.89 10.17 13.13
CA LEU B 36 5.84 11.51 13.69
C LEU B 36 5.16 11.57 15.07
N GLY B 37 4.55 10.48 15.52
CA GLY B 37 3.80 10.54 16.77
C GLY B 37 2.60 11.46 16.72
N LEU B 38 2.00 11.64 15.54
CA LEU B 38 0.90 12.58 15.38
C LEU B 38 -0.26 12.25 16.32
N PHE B 39 -0.62 10.97 16.43
CA PHE B 39 -1.74 10.59 17.29
C PHE B 39 -1.40 10.78 18.77
N THR B 40 -0.13 10.60 19.13
CA THR B 40 0.29 10.91 20.49
C THR B 40 0.15 12.41 20.76
N GLU B 41 0.38 13.25 19.75
CA GLU B 41 0.23 14.69 19.94
C GLU B 41 -1.22 15.09 20.18
N LEU B 42 -2.17 14.36 19.59
CA LEU B 42 -3.58 14.63 19.81
C LEU B 42 -4.14 13.90 21.03
N ALA B 43 -3.30 13.22 21.79
CA ALA B 43 -3.78 12.40 22.90
C ALA B 43 -4.42 13.25 23.98
N ALA B 44 -3.86 14.43 24.25
CA ALA B 44 -4.36 15.27 25.34
C ALA B 44 -5.57 16.09 24.93
N GLY B 45 -5.85 16.25 23.64
CA GLY B 45 -6.99 17.01 23.19
C GLY B 45 -6.89 17.40 21.73
N PRO B 46 -7.96 18.01 21.20
CA PRO B 46 -7.94 18.42 19.78
C PRO B 46 -7.03 19.61 19.57
N LEU B 47 -6.54 19.75 18.34
CA LEU B 47 -5.66 20.85 17.98
C LEU B 47 -6.02 21.35 16.59
N ARG B 48 -5.97 22.66 16.40
CA ARG B 48 -6.16 23.23 15.07
C ARG B 48 -4.96 22.91 14.18
N GLY B 49 -5.19 22.99 12.86
CA GLY B 49 -4.18 22.55 11.92
C GLY B 49 -2.86 23.29 12.06
N GLU B 50 -2.91 24.60 12.23
CA GLU B 50 -1.67 25.36 12.40
C GLU B 50 -0.92 24.92 13.65
N GLU B 51 -1.63 24.79 14.77
CA GLU B 51 -0.99 24.35 16.00
C GLU B 51 -0.43 22.94 15.85
N LEU B 52 -1.14 22.07 15.14
CA LEU B 52 -0.61 20.74 14.89
C LEU B 52 0.56 20.80 13.93
N ARG B 53 0.49 21.67 12.92
CA ARG B 53 1.61 21.83 12.00
C ARG B 53 2.86 22.30 12.73
N ALA B 54 2.71 23.29 13.63
CA ALA B 54 3.85 23.80 14.36
C ALA B 54 4.47 22.73 15.26
N ARG B 55 3.62 21.99 15.99
CA ARG B 55 4.14 21.01 16.94
C ARG B 55 4.85 19.86 16.24
N LEU B 56 4.49 19.57 14.99
CA LEU B 56 5.11 18.48 14.24
C LEU B 56 6.27 18.92 13.37
N ARG B 57 6.53 20.23 13.28
CA ARG B 57 7.63 20.78 12.49
C ARG B 57 7.45 20.43 11.01
N LEU B 58 6.23 20.61 10.52
CA LEU B 58 5.91 20.38 9.12
C LEU B 58 5.80 21.70 8.38
N HIS B 59 6.12 21.67 7.09
CA HIS B 59 6.07 22.86 6.27
C HIS B 59 4.61 23.21 5.95
N PRO B 60 4.29 24.50 5.84
CA PRO B 60 2.89 24.88 5.61
C PRO B 60 2.33 24.48 4.25
N ARG B 61 3.18 24.19 3.25
CA ARG B 61 2.66 23.89 1.91
C ARG B 61 1.66 22.74 1.93
N SER B 62 1.99 21.67 2.63
CA SER B 62 1.24 20.43 2.52
C SER B 62 0.66 19.91 3.83
N ALA B 63 0.80 20.65 4.93
CA ALA B 63 0.35 20.14 6.23
C ALA B 63 -1.15 19.87 6.22
N ARG B 64 -1.94 20.81 5.72
CA ARG B 64 -3.38 20.62 5.69
C ARG B 64 -3.75 19.44 4.80
N ASP B 65 -3.09 19.29 3.65
CA ASP B 65 -3.34 18.14 2.79
C ASP B 65 -3.09 16.84 3.55
N PHE B 66 -1.97 16.77 4.26
CA PHE B 66 -1.60 15.59 5.02
C PHE B 66 -2.63 15.28 6.10
N PHE B 67 -2.97 16.28 6.92
CA PHE B 67 -3.96 16.09 7.98
C PHE B 67 -5.30 15.67 7.42
N ASP B 68 -5.75 16.32 6.33
CA ASP B 68 -7.04 15.98 5.75
C ASP B 68 -7.04 14.60 5.09
N THR B 69 -5.90 14.14 4.57
CA THR B 69 -5.85 12.78 4.06
C THR B 69 -6.14 11.78 5.18
N LEU B 70 -5.57 12.03 6.36
CA LEU B 70 -5.83 11.18 7.51
C LEU B 70 -7.30 11.23 7.90
N VAL B 71 -7.94 12.39 7.78
CA VAL B 71 -9.37 12.48 8.03
C VAL B 71 -10.15 11.65 7.00
N ALA B 72 -9.78 11.79 5.72
CA ALA B 72 -10.48 11.06 4.68
C ALA B 72 -10.27 9.55 4.83
N LEU B 73 -9.10 9.15 5.33
CA LEU B 73 -8.87 7.74 5.61
C LEU B 73 -9.62 7.25 6.84
N GLY B 74 -10.27 8.15 7.58
CA GLY B 74 -11.03 7.77 8.75
C GLY B 74 -10.24 7.53 10.01
N VAL B 75 -8.98 7.95 10.07
CA VAL B 75 -8.21 7.76 11.30
C VAL B 75 -8.15 9.03 12.16
N LEU B 76 -8.43 10.21 11.60
CA LEU B 76 -8.67 11.41 12.37
C LEU B 76 -10.09 11.90 12.12
N GLU B 77 -10.59 12.72 13.04
CA GLU B 77 -11.79 13.50 12.80
C GLU B 77 -11.41 14.98 12.79
N ARG B 78 -12.22 15.79 12.09
CA ARG B 78 -12.01 17.22 12.03
C ARG B 78 -13.35 17.94 12.06
N THR B 79 -13.43 18.99 12.87
CA THR B 79 -14.58 19.89 12.82
C THR B 79 -14.13 21.27 13.30
N ASN B 80 -14.69 22.31 12.67
CA ASN B 80 -14.33 23.70 12.96
C ASN B 80 -12.81 23.89 12.88
N GLY B 81 -12.19 23.23 11.92
CA GLY B 81 -10.76 23.35 11.70
C GLY B 81 -9.88 22.70 12.74
N ALA B 82 -10.43 21.94 13.68
CA ALA B 82 -9.64 21.26 14.71
C ALA B 82 -9.68 19.76 14.51
N TYR B 83 -8.51 19.13 14.65
CA TYR B 83 -8.32 17.70 14.43
C TYR B 83 -8.28 16.97 15.78
N ALA B 84 -8.81 15.75 15.80
CA ALA B 84 -8.77 14.92 17.00
C ALA B 84 -8.54 13.47 16.60
N ASN B 85 -8.00 12.70 17.56
CA ASN B 85 -7.94 11.26 17.41
C ASN B 85 -9.33 10.67 17.22
N THR B 86 -9.40 9.55 16.50
CA THR B 86 -10.55 8.66 16.59
C THR B 86 -10.38 7.77 17.80
N PRO B 87 -11.45 7.09 18.25
CA PRO B 87 -11.29 6.18 19.40
C PRO B 87 -10.18 5.16 19.17
N ALA B 88 -10.11 4.56 17.98
CA ALA B 88 -9.09 3.55 17.73
C ALA B 88 -7.69 4.14 17.85
N THR B 89 -7.47 5.36 17.33
CA THR B 89 -6.12 5.93 17.41
C THR B 89 -5.80 6.41 18.82
N ALA B 90 -6.82 6.76 19.62
CA ALA B 90 -6.55 7.09 21.01
C ALA B 90 -6.28 5.83 21.83
N GLN B 91 -6.97 4.73 21.50
CA GLN B 91 -6.81 3.50 22.27
C GLN B 91 -5.52 2.77 21.94
N TYR B 92 -5.09 2.78 20.67
CA TYR B 92 -4.03 1.88 20.23
C TYR B 92 -2.84 2.53 19.54
N LEU B 93 -2.90 3.82 19.20
CA LEU B 93 -1.80 4.46 18.49
C LEU B 93 -1.14 5.57 19.31
N VAL B 94 -1.35 5.58 20.62
CA VAL B 94 -0.76 6.57 21.51
C VAL B 94 0.43 5.93 22.22
N ARG B 95 1.62 6.45 21.98
CA ARG B 95 2.83 5.94 22.60
C ARG B 95 2.73 5.97 24.12
N GLY B 96 3.47 5.08 24.78
CA GLY B 96 3.54 5.05 26.22
C GLY B 96 2.47 4.23 26.91
N LYS B 97 1.51 3.69 26.18
CA LYS B 97 0.45 2.88 26.75
C LYS B 97 0.71 1.41 26.44
N SER B 98 0.29 0.53 27.35
CA SER B 98 0.58 -0.89 27.19
C SER B 98 -0.16 -1.50 26.00
N ALA B 99 -1.27 -0.90 25.58
CA ALA B 99 -2.00 -1.39 24.41
C ALA B 99 -1.42 -0.87 23.09
N TYR B 100 -0.35 -0.08 23.14
CA TYR B 100 0.19 0.56 21.94
C TYR B 100 0.57 -0.47 20.89
N LEU B 101 0.01 -0.32 19.69
CA LEU B 101 0.29 -1.17 18.55
C LEU B 101 1.04 -0.43 17.45
N GLY B 102 1.45 0.82 17.67
CA GLY B 102 2.08 1.59 16.64
C GLY B 102 3.52 1.24 16.36
N GLY B 103 4.14 0.43 17.22
CA GLY B 103 5.49 -0.01 16.94
C GLY B 103 5.60 -0.79 15.64
N LEU B 104 4.55 -1.53 15.28
CA LEU B 104 4.51 -2.15 13.96
C LEU B 104 4.62 -1.09 12.87
N LEU B 105 3.96 0.06 13.06
CA LEU B 105 3.98 1.11 12.06
C LEU B 105 5.31 1.84 12.04
N GLU B 106 5.85 2.16 13.21
CA GLU B 106 7.12 2.89 13.26
C GLU B 106 8.24 2.09 12.59
N MET B 107 8.32 0.79 12.89
CA MET B 107 9.36 -0.03 12.25
C MET B 107 9.09 -0.20 10.76
N SER B 108 7.81 -0.25 10.35
CA SER B 108 7.49 -0.30 8.92
C SER B 108 8.00 0.93 8.21
N ASP B 109 7.81 2.11 8.82
CA ASP B 109 8.23 3.35 8.20
C ASP B 109 9.75 3.48 8.14
N ALA B 110 10.43 3.04 9.19
CA ALA B 110 11.88 3.17 9.25
C ALA B 110 12.59 2.11 8.43
N ARG B 111 11.99 0.94 8.25
CA ARG B 111 12.75 -0.18 7.71
C ARG B 111 12.00 -0.98 6.66
N MET B 112 10.76 -1.38 6.97
CA MET B 112 10.09 -2.39 6.16
C MET B 112 9.61 -1.84 4.81
N TYR B 113 9.14 -0.58 4.77
CA TYR B 113 8.73 0.00 3.50
C TYR B 113 9.86 -0.10 2.49
N GLU B 114 11.05 0.36 2.86
CA GLU B 114 12.16 0.35 1.92
C GLU B 114 12.68 -1.07 1.70
N LEU B 115 12.62 -1.93 2.70
CA LEU B 115 13.02 -3.32 2.51
C LEU B 115 12.16 -3.99 1.45
N TRP B 116 10.85 -3.84 1.55
CA TRP B 116 9.94 -4.37 0.54
C TRP B 116 10.13 -3.69 -0.82
N GLY B 117 10.74 -2.50 -0.84
CA GLY B 117 11.13 -1.95 -2.13
C GLY B 117 12.13 -2.82 -2.87
N ARG B 118 12.79 -3.75 -2.18
CA ARG B 118 13.74 -4.66 -2.79
C ARG B 118 13.15 -6.06 -3.00
N LEU B 119 11.83 -6.17 -3.11
CA LEU B 119 11.17 -7.46 -3.28
C LEU B 119 11.63 -8.15 -4.56
N ASP B 120 11.78 -7.37 -5.65
CA ASP B 120 12.22 -7.94 -6.92
C ASP B 120 13.57 -8.64 -6.79
N GLU B 121 14.54 -7.98 -6.16
CA GLU B 121 15.84 -8.61 -5.98
C GLU B 121 15.74 -9.86 -5.12
N GLY B 122 14.92 -9.81 -4.07
CA GLY B 122 14.73 -11.00 -3.25
C GLY B 122 14.21 -12.18 -4.05
N LEU B 123 13.19 -11.93 -4.89
CA LEU B 123 12.60 -13.01 -5.67
C LEU B 123 13.60 -13.58 -6.67
N ARG B 124 14.42 -12.70 -7.27
CA ARG B 124 15.37 -13.14 -8.28
C ARG B 124 16.53 -13.91 -7.68
N THR B 125 17.01 -13.50 -6.50
CA THR B 125 18.22 -14.08 -5.93
C THR B 125 17.95 -15.10 -4.85
N GLY B 126 16.76 -15.07 -4.24
CA GLY B 126 16.50 -15.89 -3.06
C GLY B 126 17.25 -15.46 -1.83
N ASN B 127 17.90 -14.30 -1.86
CA ASN B 127 18.70 -13.85 -0.74
C ASN B 127 18.00 -12.72 0.01
N PRO B 128 18.22 -12.61 1.32
CA PRO B 128 17.63 -11.52 2.09
C PRO B 128 18.23 -10.19 1.66
N GLN B 129 17.47 -9.13 1.90
CA GLN B 129 17.81 -7.82 1.37
C GLN B 129 17.98 -6.77 2.47
N ASN B 130 18.20 -7.22 3.71
CA ASN B 130 18.26 -6.31 4.85
C ASN B 130 19.68 -6.02 5.31
N GLU B 131 20.70 -6.47 4.57
CA GLU B 131 22.09 -6.25 4.94
C GLU B 131 23.04 -6.68 3.83
N MET B 157 5.53 -4.24 20.06
CA MET B 157 5.76 -5.66 19.81
C MET B 157 5.38 -6.46 21.04
N THR B 158 5.69 -5.91 22.21
CA THR B 158 5.23 -6.53 23.44
C THR B 158 3.71 -6.62 23.47
N GLY B 159 3.03 -5.58 22.96
CA GLY B 159 1.58 -5.64 22.86
C GLY B 159 1.10 -6.68 21.87
N LEU B 160 1.71 -6.74 20.69
CA LEU B 160 1.31 -7.71 19.68
C LEU B 160 1.63 -9.14 20.11
N SER B 161 2.76 -9.33 20.81
CA SER B 161 3.00 -10.62 21.43
C SER B 161 2.04 -10.89 22.59
N MET B 162 1.51 -9.83 23.21
CA MET B 162 0.62 -10.02 24.35
C MET B 162 -0.73 -10.58 23.95
N ARG B 163 -1.20 -10.26 22.74
CA ARG B 163 -2.45 -10.84 22.27
C ARG B 163 -2.33 -12.36 22.16
N SER B 164 -1.24 -12.83 21.57
CA SER B 164 -0.98 -14.27 21.48
C SER B 164 -0.80 -14.87 22.86
N ALA B 165 -0.08 -14.18 23.74
CA ALA B 165 0.16 -14.70 25.08
C ALA B 165 -1.15 -14.94 25.82
N HIS B 166 -2.03 -13.93 25.82
CA HIS B 166 -3.33 -14.10 26.45
C HIS B 166 -4.10 -15.27 25.86
N ALA B 167 -4.11 -15.38 24.53
CA ALA B 167 -4.85 -16.47 23.90
C ALA B 167 -4.24 -17.84 24.24
N LEU B 168 -2.91 -17.92 24.26
CA LEU B 168 -2.25 -19.17 24.63
C LEU B 168 -2.61 -19.60 26.04
N ALA B 169 -2.67 -18.65 26.95
CA ALA B 169 -3.00 -18.97 28.34
C ALA B 169 -4.40 -19.55 28.45
N GLU B 170 -5.31 -19.20 27.54
CA GLU B 170 -6.69 -19.63 27.62
C GLU B 170 -7.02 -20.81 26.72
N ALA B 171 -6.22 -21.04 25.67
CA ALA B 171 -6.53 -22.08 24.68
C ALA B 171 -6.00 -23.46 25.06
N ILE B 172 -5.14 -23.55 26.08
CA ILE B 172 -4.54 -24.81 26.49
C ILE B 172 -4.84 -25.03 27.97
N ASP B 173 -5.12 -26.28 28.34
CA ASP B 173 -5.36 -26.61 29.75
C ASP B 173 -4.00 -26.75 30.45
N TRP B 174 -3.46 -25.61 30.89
CA TRP B 174 -2.15 -25.57 31.50
C TRP B 174 -2.11 -26.24 32.87
N SER B 175 -3.27 -26.51 33.48
CA SER B 175 -3.31 -27.23 34.74
C SER B 175 -2.78 -28.66 34.63
N ALA B 176 -2.72 -29.20 33.42
CA ALA B 176 -2.18 -30.54 33.22
C ALA B 176 -0.66 -30.58 33.26
N TYR B 177 0.01 -29.43 33.40
CA TYR B 177 1.46 -29.37 33.32
C TYR B 177 2.01 -28.62 34.53
N ARG B 178 3.25 -28.94 34.88
CA ARG B 178 3.92 -28.26 35.97
C ARG B 178 5.00 -27.28 35.53
N THR B 179 5.62 -27.53 34.38
CA THR B 179 6.74 -26.74 33.92
C THR B 179 6.58 -26.43 32.45
N VAL B 180 7.11 -25.28 32.05
CA VAL B 180 7.02 -24.83 30.66
C VAL B 180 8.34 -24.16 30.32
N ALA B 181 8.82 -24.43 29.11
CA ALA B 181 9.98 -23.72 28.59
C ALA B 181 9.58 -23.04 27.29
N ASP B 182 9.91 -21.76 27.18
CA ASP B 182 9.66 -20.99 25.97
C ASP B 182 10.97 -20.91 25.19
N ILE B 183 10.99 -21.49 24.00
CA ILE B 183 12.22 -21.62 23.22
C ILE B 183 12.32 -20.42 22.29
N GLY B 184 13.34 -19.60 22.50
CA GLY B 184 13.43 -18.32 21.80
C GLY B 184 12.47 -17.31 22.38
N CYS B 185 12.56 -17.10 23.69
CA CYS B 185 11.53 -16.38 24.44
C CYS B 185 11.58 -14.86 24.29
N ALA B 186 12.64 -14.30 23.71
CA ALA B 186 12.86 -12.84 23.62
C ALA B 186 12.75 -12.26 25.03
N GLU B 187 12.02 -11.16 25.22
CA GLU B 187 11.93 -10.51 26.53
C GLU B 187 11.06 -11.27 27.53
N GLY B 188 10.43 -12.37 27.11
CA GLY B 188 9.71 -13.24 28.02
C GLY B 188 8.23 -12.92 28.19
N THR B 189 7.65 -12.12 27.29
CA THR B 189 6.28 -11.64 27.48
C THR B 189 5.29 -12.80 27.60
N VAL B 190 5.37 -13.76 26.67
CA VAL B 190 4.42 -14.87 26.67
C VAL B 190 4.60 -15.73 27.92
N LEU B 191 5.84 -16.08 28.25
CA LEU B 191 6.11 -16.92 29.40
C LEU B 191 5.67 -16.23 30.69
N ILE B 192 5.96 -14.93 30.81
CA ILE B 192 5.56 -14.19 32.01
C ILE B 192 4.05 -14.23 32.15
N HIS B 193 3.32 -14.00 31.05
CA HIS B 193 1.87 -14.01 31.15
C HIS B 193 1.34 -15.39 31.54
N LEU B 194 1.92 -16.45 30.97
CA LEU B 194 1.50 -17.80 31.34
C LEU B 194 1.65 -18.02 32.85
N LEU B 195 2.80 -17.65 33.39
CA LEU B 195 3.05 -17.84 34.81
C LEU B 195 2.19 -16.94 35.68
N GLU B 196 1.88 -15.73 35.21
CA GLU B 196 0.96 -14.88 35.96
C GLU B 196 -0.45 -15.45 35.91
N ARG B 197 -0.83 -16.01 34.77
CA ARG B 197 -2.19 -16.54 34.62
C ARG B 197 -2.36 -17.86 35.36
N HIS B 198 -1.34 -18.72 35.36
CA HIS B 198 -1.39 -20.03 35.99
C HIS B 198 -0.32 -20.12 37.07
N PRO B 199 -0.63 -19.78 38.32
CA PRO B 199 0.42 -19.63 39.33
C PRO B 199 1.08 -20.93 39.75
N HIS B 200 0.57 -22.09 39.32
CA HIS B 200 1.23 -23.36 39.61
C HIS B 200 2.41 -23.62 38.69
N LEU B 201 2.57 -22.86 37.62
CA LEU B 201 3.59 -23.14 36.63
C LEU B 201 4.96 -22.65 37.08
N ARG B 202 5.98 -23.39 36.70
CA ARG B 202 7.37 -22.97 36.76
C ARG B 202 7.87 -22.87 35.32
N GLY B 203 8.61 -21.81 35.02
CA GLY B 203 8.95 -21.50 33.64
C GLY B 203 10.44 -21.30 33.44
N THR B 204 10.87 -21.56 32.20
CA THR B 204 12.26 -21.35 31.77
C THR B 204 12.23 -20.65 30.42
N GLY B 205 12.85 -19.47 30.36
CA GLY B 205 13.02 -18.77 29.09
C GLY B 205 14.39 -19.09 28.51
N PHE B 206 14.41 -19.49 27.24
CA PHE B 206 15.63 -19.92 26.57
C PHE B 206 15.85 -19.01 25.37
N ASP B 207 17.00 -18.35 25.34
CA ASP B 207 17.34 -17.47 24.22
C ASP B 207 18.84 -17.20 24.25
N LEU B 208 19.31 -16.45 23.26
CA LEU B 208 20.70 -16.08 23.23
C LEU B 208 21.04 -15.18 24.42
N ALA B 209 22.33 -15.14 24.76
CA ALA B 209 22.76 -14.39 25.94
C ALA B 209 22.45 -12.89 25.83
N ALA B 210 22.49 -12.34 24.61
CA ALA B 210 22.28 -10.92 24.42
C ALA B 210 20.86 -10.50 24.80
N VAL B 211 19.91 -11.44 24.77
CA VAL B 211 18.54 -11.17 25.14
C VAL B 211 18.34 -11.10 26.66
N ARG B 212 19.28 -11.65 27.44
CA ARG B 212 19.07 -11.75 28.88
C ARG B 212 18.78 -10.42 29.57
N PRO B 213 19.45 -9.29 29.26
CA PRO B 213 19.08 -8.03 29.92
C PRO B 213 17.60 -7.68 29.79
N SER B 214 17.04 -7.72 28.58
CA SER B 214 15.63 -7.39 28.40
C SER B 214 14.72 -8.41 29.07
N PHE B 215 15.12 -9.67 29.13
CA PHE B 215 14.35 -10.66 29.90
C PHE B 215 14.37 -10.32 31.38
N GLN B 216 15.56 -9.98 31.90
CA GLN B 216 15.70 -9.69 33.32
C GLN B 216 14.84 -8.51 33.76
N ARG B 217 14.69 -7.51 32.87
CA ARG B 217 13.85 -6.37 33.22
C ARG B 217 12.40 -6.77 33.35
N ARG B 218 11.89 -7.56 32.41
CA ARG B 218 10.49 -7.99 32.48
C ARG B 218 10.29 -8.99 33.61
N HIS B 219 11.30 -9.82 33.89
CA HIS B 219 11.23 -10.72 35.03
C HIS B 219 11.18 -9.94 36.35
N GLU B 220 12.00 -8.88 36.46
CA GLU B 220 11.97 -8.06 37.66
C GLU B 220 10.65 -7.31 37.79
N GLU B 221 10.10 -6.85 36.66
CA GLU B 221 8.81 -6.17 36.68
C GLU B 221 7.70 -7.10 37.17
N SER B 222 7.79 -8.40 36.87
CA SER B 222 6.70 -9.32 37.15
C SER B 222 6.63 -9.75 38.60
N GLY B 223 7.73 -9.66 39.34
CA GLY B 223 7.75 -10.17 40.70
C GLY B 223 7.64 -11.68 40.81
N LEU B 224 7.85 -12.41 39.70
CA LEU B 224 7.66 -13.87 39.72
C LEU B 224 8.75 -14.59 40.52
N GLY B 225 9.88 -13.94 40.78
CA GLY B 225 10.91 -14.55 41.59
C GLY B 225 11.39 -15.88 41.04
N ASP B 226 11.56 -16.85 41.94
CA ASP B 226 12.13 -18.16 41.62
C ASP B 226 11.26 -19.01 40.69
N ARG B 227 10.04 -18.59 40.38
CA ARG B 227 9.20 -19.38 39.50
C ARG B 227 9.61 -19.28 38.04
N LEU B 228 10.40 -18.28 37.68
CA LEU B 228 10.81 -18.04 36.30
C LEU B 228 12.33 -17.91 36.25
N ALA B 229 12.95 -18.49 35.23
CA ALA B 229 14.39 -18.39 35.06
C ALA B 229 14.72 -18.26 33.58
N PHE B 230 15.82 -17.55 33.31
CA PHE B 230 16.36 -17.47 31.96
C PHE B 230 17.49 -18.47 31.82
N ARG B 231 17.56 -19.12 30.66
CA ARG B 231 18.70 -19.96 30.30
C ARG B 231 19.25 -19.46 28.98
N ALA B 232 20.52 -19.03 29.00
CA ALA B 232 21.16 -18.59 27.77
C ALA B 232 21.66 -19.79 26.99
N GLY B 233 21.55 -19.73 25.67
CA GLY B 233 22.06 -20.79 24.84
C GLY B 233 21.66 -20.56 23.40
N ASP B 234 22.23 -21.41 22.54
CA ASP B 234 21.92 -21.45 21.11
C ASP B 234 21.25 -22.79 20.84
N PHE B 235 19.99 -22.75 20.39
CA PHE B 235 19.28 -24.02 20.27
C PHE B 235 19.76 -24.88 19.10
N PHE B 236 20.71 -24.41 18.28
CA PHE B 236 21.38 -25.28 17.32
C PHE B 236 22.71 -25.79 17.82
N ALA B 237 23.11 -25.41 19.04
CA ALA B 237 24.37 -25.84 19.61
C ALA B 237 24.24 -26.71 20.84
N GLU B 238 23.08 -26.73 21.50
CA GLU B 238 22.96 -27.43 22.77
C GLU B 238 21.54 -27.96 22.89
N PRO B 239 21.31 -28.92 23.78
CA PRO B 239 19.94 -29.42 23.97
C PRO B 239 19.03 -28.34 24.55
N LEU B 240 17.75 -28.58 24.42
CA LEU B 240 16.78 -27.63 24.92
C LEU B 240 16.47 -27.94 26.38
N PRO B 241 15.99 -26.96 27.12
CA PRO B 241 15.55 -27.22 28.50
C PRO B 241 14.45 -28.26 28.53
N GLN B 242 14.54 -29.16 29.50
CA GLN B 242 13.47 -30.12 29.74
C GLN B 242 12.31 -29.43 30.45
N ALA B 243 11.10 -29.70 29.99
CA ALA B 243 9.90 -29.20 30.63
C ALA B 243 8.73 -30.01 30.11
N ASP B 244 7.58 -29.88 30.80
CA ASP B 244 6.38 -30.59 30.40
C ASP B 244 5.83 -30.06 29.09
N ALA B 245 6.07 -28.78 28.80
CA ALA B 245 5.58 -28.11 27.61
C ALA B 245 6.66 -27.21 27.07
N LEU B 246 6.89 -27.28 25.75
CA LEU B 246 7.82 -26.40 25.06
C LEU B 246 7.03 -25.55 24.07
N VAL B 247 7.33 -24.25 24.06
CA VAL B 247 6.61 -23.29 23.23
C VAL B 247 7.58 -22.72 22.20
N PHE B 248 7.14 -22.70 20.94
CA PHE B 248 7.89 -22.14 19.82
C PHE B 248 7.04 -21.03 19.21
N GLY B 249 7.21 -19.80 19.69
CA GLY B 249 6.49 -18.70 19.10
C GLY B 249 7.33 -17.96 18.07
N HIS B 250 6.93 -18.06 16.80
CA HIS B 250 7.62 -17.39 15.70
C HIS B 250 9.11 -17.76 15.68
N ILE B 251 9.38 -19.06 15.79
CA ILE B 251 10.73 -19.61 15.75
C ILE B 251 10.98 -20.37 14.45
N LEU B 252 10.21 -21.44 14.20
CA LEU B 252 10.48 -22.33 13.08
C LEU B 252 10.53 -21.58 11.75
N SER B 253 9.66 -20.60 11.57
CA SER B 253 9.58 -19.88 10.29
C SER B 253 10.84 -19.08 9.96
N ASN B 254 11.77 -18.92 10.91
CA ASN B 254 12.99 -18.18 10.67
C ASN B 254 14.10 -19.00 10.03
N TRP B 255 13.91 -20.31 9.89
CA TRP B 255 14.99 -21.23 9.56
C TRP B 255 14.62 -22.09 8.36
N ALA B 256 15.64 -22.54 7.63
CA ALA B 256 15.42 -23.51 6.57
C ALA B 256 14.83 -24.80 7.14
N LEU B 257 14.14 -25.54 6.28
CA LEU B 257 13.40 -26.71 6.75
C LEU B 257 14.25 -27.73 7.52
N PRO B 258 15.47 -28.09 7.10
CA PRO B 258 16.24 -29.03 7.93
C PRO B 258 16.48 -28.52 9.35
N LYS B 259 16.65 -27.20 9.50
CA LYS B 259 16.90 -26.66 10.83
C LYS B 259 15.63 -26.65 11.66
N ALA B 260 14.49 -26.39 11.03
CA ALA B 260 13.22 -26.43 11.75
C ALA B 260 12.90 -27.84 12.23
N LYS B 261 13.16 -28.84 11.39
CA LYS B 261 12.96 -30.23 11.81
C LYS B 261 13.91 -30.61 12.95
N THR B 262 15.14 -30.07 12.91
CA THR B 262 16.08 -30.32 14.00
C THR B 262 15.55 -29.78 15.31
N LEU B 263 14.93 -28.60 15.28
CA LEU B 263 14.32 -28.07 16.50
C LEU B 263 13.21 -28.99 17.00
N LEU B 264 12.41 -29.55 16.09
CA LEU B 264 11.33 -30.43 16.53
C LEU B 264 11.87 -31.73 17.10
N ARG B 265 12.98 -32.24 16.54
CA ARG B 265 13.66 -33.38 17.16
C ARG B 265 14.12 -33.05 18.56
N LYS B 266 14.74 -31.88 18.74
CA LYS B 266 15.22 -31.50 20.07
C LYS B 266 14.07 -31.27 21.03
N ALA B 267 12.94 -30.76 20.55
CA ALA B 267 11.77 -30.63 21.40
C ALA B 267 11.27 -32.00 21.83
N HIS B 268 11.23 -32.96 20.92
CA HIS B 268 10.81 -34.32 21.28
C HIS B 268 11.75 -34.89 22.34
N GLU B 269 13.06 -34.67 22.19
CA GLU B 269 14.03 -35.18 23.14
C GLU B 269 13.88 -34.52 24.51
N ALA B 270 13.44 -33.26 24.56
CA ALA B 270 13.35 -32.54 25.82
C ALA B 270 12.05 -32.81 26.58
N LEU B 271 11.05 -33.41 25.93
CA LEU B 271 9.74 -33.51 26.55
C LEU B 271 9.57 -34.85 27.26
N PRO B 272 8.71 -34.90 28.28
CA PRO B 272 8.35 -36.18 28.87
C PRO B 272 7.24 -36.83 28.05
N GLU B 273 6.97 -38.11 28.36
CA GLU B 273 5.78 -38.76 27.81
C GLU B 273 4.54 -37.98 28.23
N GLY B 274 3.69 -37.66 27.25
CA GLY B 274 2.53 -36.84 27.51
C GLY B 274 2.78 -35.34 27.55
N GLY B 275 4.04 -34.90 27.47
CA GLY B 275 4.31 -33.49 27.30
C GLY B 275 3.86 -32.99 25.94
N ILE B 276 3.80 -31.66 25.80
CA ILE B 276 3.31 -31.06 24.57
C ILE B 276 4.33 -30.09 24.01
N VAL B 277 4.33 -29.96 22.69
CA VAL B 277 5.02 -28.88 22.00
C VAL B 277 3.95 -27.94 21.42
N VAL B 278 4.14 -26.64 21.61
CA VAL B 278 3.18 -25.64 21.21
C VAL B 278 3.87 -24.70 20.24
N ILE B 279 3.40 -24.67 19.00
CA ILE B 279 3.99 -23.89 17.93
C ILE B 279 2.95 -22.87 17.48
N TYR B 280 3.32 -21.59 17.41
CA TYR B 280 2.37 -20.63 16.84
C TYR B 280 3.07 -19.71 15.86
N GLU B 281 2.33 -19.37 14.79
CA GLU B 281 2.84 -18.68 13.62
C GLU B 281 1.65 -17.98 12.97
N THR B 282 1.94 -17.09 12.03
CA THR B 282 0.91 -16.61 11.11
C THR B 282 0.90 -17.59 9.95
N LEU B 283 0.26 -18.73 10.18
CA LEU B 283 0.30 -19.84 9.23
C LEU B 283 -0.42 -19.50 7.94
N ILE B 284 0.12 -20.01 6.83
CA ILE B 284 -0.62 -20.01 5.57
C ILE B 284 -1.70 -21.07 5.66
N ASP B 285 -2.81 -20.85 4.97
CA ASP B 285 -3.86 -21.87 4.92
C ASP B 285 -3.38 -23.09 4.13
N ASP B 286 -3.93 -24.27 4.48
CA ASP B 286 -3.43 -25.51 3.92
C ASP B 286 -3.51 -25.54 2.40
N GLU B 287 -4.54 -24.92 1.82
CA GLU B 287 -4.68 -24.88 0.37
C GLU B 287 -3.80 -23.81 -0.28
N ARG B 288 -3.16 -22.96 0.51
CA ARG B 288 -2.22 -21.95 0.00
C ARG B 288 -2.89 -21.06 -1.05
N ARG B 289 -4.07 -20.56 -0.70
CA ARG B 289 -4.78 -19.69 -1.64
C ARG B 289 -5.62 -18.61 -0.97
N GLU B 290 -5.55 -18.44 0.35
CA GLU B 290 -6.46 -17.49 1.01
C GLU B 290 -5.81 -16.61 2.06
N ASN B 291 -4.83 -17.08 2.82
CA ASN B 291 -4.33 -16.33 3.97
C ASN B 291 -3.29 -15.31 3.50
N VAL B 292 -3.76 -14.11 3.15
CA VAL B 292 -2.83 -13.06 2.72
C VAL B 292 -1.78 -12.76 3.79
N PRO B 293 -2.13 -12.59 5.08
CA PRO B 293 -1.07 -12.32 6.07
C PRO B 293 0.02 -13.38 6.09
N GLY B 294 -0.36 -14.66 6.12
CA GLY B 294 0.65 -15.71 6.12
C GLY B 294 1.53 -15.69 4.89
N LEU B 295 0.92 -15.47 3.72
CA LEU B 295 1.72 -15.48 2.50
C LEU B 295 2.65 -14.27 2.44
N LEU B 296 2.17 -13.08 2.84
CA LEU B 296 3.06 -11.93 2.90
C LEU B 296 4.19 -12.15 3.90
N MET B 297 3.92 -12.87 4.99
CA MET B 297 4.96 -13.13 5.97
C MET B 297 6.05 -14.04 5.40
N SER B 298 5.68 -14.98 4.53
CA SER B 298 6.68 -15.81 3.88
C SER B 298 7.60 -14.96 3.01
N LEU B 299 7.05 -13.94 2.35
CA LEU B 299 7.89 -13.03 1.58
C LEU B 299 8.72 -12.15 2.50
N THR B 300 8.18 -11.77 3.66
CA THR B 300 8.98 -11.09 4.67
C THR B 300 10.17 -11.95 5.08
N MET B 301 9.93 -13.24 5.31
CA MET B 301 11.03 -14.15 5.66
C MET B 301 12.07 -14.21 4.54
N LEU B 302 11.62 -14.19 3.29
CA LEU B 302 12.57 -14.10 2.18
C LEU B 302 13.48 -12.89 2.32
N LEU B 303 12.87 -11.73 2.61
CA LEU B 303 13.61 -10.47 2.62
C LEU B 303 14.51 -10.33 3.84
N GLU B 304 14.23 -11.05 4.92
CA GLU B 304 14.87 -10.83 6.21
C GLU B 304 15.84 -11.94 6.62
N THR B 305 15.70 -13.15 6.10
CA THR B 305 16.46 -14.30 6.57
C THR B 305 17.05 -15.07 5.41
N PRO B 306 18.12 -15.83 5.64
CA PRO B 306 18.69 -16.64 4.56
C PRO B 306 17.82 -17.81 4.15
N GLY B 307 16.97 -18.33 5.03
CA GLY B 307 16.27 -19.54 4.69
C GLY B 307 14.91 -19.73 5.33
N GLY B 308 14.45 -18.72 6.06
CA GLY B 308 13.15 -18.82 6.68
C GLY B 308 12.02 -18.81 5.68
N PHE B 309 10.86 -19.27 6.12
CA PHE B 309 9.68 -19.35 5.27
C PHE B 309 8.45 -19.53 6.16
N GLU B 310 7.30 -19.09 5.66
CA GLU B 310 6.04 -19.40 6.32
C GLU B 310 5.50 -20.71 5.76
N TYR B 311 4.72 -21.42 6.57
CA TYR B 311 4.26 -22.74 6.20
C TYR B 311 2.82 -22.93 6.64
N THR B 312 2.27 -24.10 6.33
CA THR B 312 0.88 -24.42 6.63
C THR B 312 0.78 -25.36 7.82
N GLY B 313 -0.42 -25.42 8.40
CA GLY B 313 -0.67 -26.38 9.46
C GLY B 313 -0.39 -27.80 9.01
N ALA B 314 -0.86 -28.16 7.81
CA ALA B 314 -0.61 -29.49 7.28
C ALA B 314 0.88 -29.79 7.18
N ASP B 315 1.67 -28.82 6.71
CA ASP B 315 3.12 -28.98 6.71
C ASP B 315 3.63 -29.33 8.09
N CYS B 316 3.28 -28.50 9.08
CA CYS B 316 3.81 -28.67 10.43
C CYS B 316 3.41 -30.01 11.02
N ARG B 317 2.20 -30.48 10.71
CA ARG B 317 1.76 -31.76 11.26
C ARG B 317 2.60 -32.91 10.71
N GLU B 318 2.96 -32.85 9.42
CA GLU B 318 3.81 -33.87 8.84
C GLU B 318 5.18 -33.87 9.50
N TRP B 319 5.77 -32.68 9.70
CA TRP B 319 7.06 -32.59 10.39
C TRP B 319 6.96 -33.19 11.78
N LEU B 320 5.88 -32.90 12.50
CA LEU B 320 5.74 -33.40 13.86
C LEU B 320 5.62 -34.92 13.89
N ALA B 321 4.88 -35.49 12.93
CA ALA B 321 4.78 -36.94 12.85
C ALA B 321 6.13 -37.57 12.52
N ASP B 322 6.85 -36.96 11.58
CA ASP B 322 8.20 -37.45 11.26
C ASP B 322 9.11 -37.40 12.47
N ALA B 323 8.94 -36.39 13.33
CA ALA B 323 9.75 -36.27 14.53
C ALA B 323 9.29 -37.21 15.63
N GLY B 324 8.17 -37.91 15.43
CA GLY B 324 7.72 -38.91 16.36
C GLY B 324 6.62 -38.51 17.33
N PHE B 325 6.09 -37.29 17.21
CA PHE B 325 5.00 -36.91 18.10
C PHE B 325 3.76 -37.75 17.78
N ARG B 326 3.02 -38.09 18.84
CA ARG B 326 1.90 -39.03 18.73
C ARG B 326 0.75 -38.46 17.93
N GLU B 327 0.27 -37.29 18.33
CA GLU B 327 -0.93 -36.69 17.77
C GLU B 327 -0.66 -35.21 17.60
N SER B 328 -1.41 -34.56 16.71
CA SER B 328 -1.24 -33.13 16.49
C SER B 328 -2.56 -32.53 16.08
N ARG B 329 -2.72 -31.24 16.38
CA ARG B 329 -3.90 -30.51 15.94
C ARG B 329 -3.53 -29.06 15.67
N VAL B 330 -4.29 -28.44 14.77
CA VAL B 330 -4.11 -27.05 14.38
C VAL B 330 -5.38 -26.30 14.74
N GLN B 331 -5.23 -25.15 15.39
CA GLN B 331 -6.39 -24.32 15.64
C GLN B 331 -6.01 -22.87 15.50
N TYR B 332 -7.01 -22.06 15.13
CA TYR B 332 -6.87 -20.61 15.20
C TYR B 332 -6.62 -20.19 16.63
N LEU B 333 -5.66 -19.29 16.82
CA LEU B 333 -5.29 -18.81 18.13
C LEU B 333 -5.77 -17.39 18.38
N ALA B 334 -5.39 -16.45 17.51
CA ALA B 334 -5.72 -15.04 17.73
C ALA B 334 -5.55 -14.32 16.40
N GLY B 335 -6.65 -14.02 15.73
CA GLY B 335 -6.60 -13.32 14.46
C GLY B 335 -5.81 -14.12 13.46
N PRO B 336 -4.77 -13.52 12.88
CA PRO B 336 -3.98 -14.22 11.86
C PRO B 336 -3.04 -15.26 12.43
N GLU B 337 -2.89 -15.34 13.75
CA GLU B 337 -2.00 -16.32 14.37
C GLU B 337 -2.75 -17.62 14.64
N SER B 338 -2.13 -18.74 14.26
CA SER B 338 -2.66 -20.06 14.55
C SER B 338 -1.62 -20.86 15.30
N MET B 339 -2.07 -21.95 15.89
CA MET B 339 -1.27 -22.78 16.78
C MET B 339 -1.32 -24.21 16.31
N VAL B 340 -0.18 -24.90 16.35
CA VAL B 340 -0.11 -26.34 16.18
C VAL B 340 0.35 -26.94 17.50
N ILE B 341 -0.36 -27.96 17.97
CA ILE B 341 -0.02 -28.62 19.23
C ILE B 341 0.17 -30.10 18.95
N ALA B 342 1.22 -30.67 19.54
CA ALA B 342 1.47 -32.10 19.43
C ALA B 342 1.84 -32.64 20.81
N THR B 343 1.55 -33.93 21.01
CA THR B 343 1.83 -34.63 22.26
C THR B 343 2.91 -35.67 22.03
N LYS B 344 3.86 -35.76 22.94
CA LYS B 344 4.86 -36.81 22.88
C LYS B 344 4.26 -38.13 23.36
#